data_5KPY
#
_entry.id   5KPY
#
_cell.length_a   127.553
_cell.length_b   26.594
_cell.length_c   63.367
_cell.angle_alpha   90.00
_cell.angle_beta   106.32
_cell.angle_gamma   90.00
#
_symmetry.space_group_name_H-M   'C 1 2 1'
#
loop_
_entity.id
_entity.type
_entity.pdbx_description
1 polymer '5-hydroxytryptophan RNA aptamer'
2 non-polymer 5-hydroxy-L-tryptophan
3 non-polymer 'IRIDIUM HEXAMMINE ION'
4 non-polymer 'MAGNESIUM ION'
5 water water
#
_entity_poly.entity_id   1
_entity_poly.type   'polyribonucleotide'
_entity_poly.pdbx_seq_one_letter_code
;GGACACUGAUGAUCGCGUGGAUAUGGCACGCAUUGAAUUGUUGGACACCGUAAAUGUCCUAACACGUGUCC
;
_entity_poly.pdbx_strand_id   A
#